data_4YOK
#
_entry.id   4YOK
#
_cell.length_a   41.866
_cell.length_b   66.212
_cell.length_c   68.593
_cell.angle_alpha   90.000
_cell.angle_beta   90.000
_cell.angle_gamma   90.000
#
_symmetry.space_group_name_H-M   'P 21 21 21'
#
loop_
_entity.id
_entity.type
_entity.pdbx_description
1 polymer 'Putative flagellar protein FliS'
2 non-polymer 'MAGNESIUM ION'
3 non-polymer GLYCEROL
4 non-polymer 'CHLORIDE ION'
5 water water
#
_entity_poly.entity_id   1
_entity_poly.type   'polypeptide(L)'
_entity_poly.pdbx_seq_one_letter_code
;GKDNFDAPESKLVGRVTYQGQALNLRGTGEAVQLQLYQDGYEKNDPISVFVGQDGTFSALLFDGEYRLTTRDGNGPWVNN
HESVTVNLKGHTEVNLEVTPYF(MSE)ISNEQLSVTGSA(MSE)NASF(MSE)INRIVPDAKISRV(MSE)LLLSKTQFA
DDVNNLYRQDFSDVVPGSVNLSADISGNTEIVKAKALYARVGVLANGADQAIYSPVVRLK
;
_entity_poly.pdbx_strand_id   A
#
# COMPACT_ATOMS: atom_id res chain seq x y z
N ASP A 6 21.07 13.09 -23.25
CA ASP A 6 20.92 12.47 -24.56
C ASP A 6 19.55 12.78 -25.18
N ALA A 7 18.49 12.89 -24.33
CA ALA A 7 17.12 13.15 -24.74
C ALA A 7 16.29 13.88 -23.62
N PRO A 8 15.25 14.67 -23.97
CA PRO A 8 14.48 15.36 -22.91
C PRO A 8 13.92 14.38 -21.87
N GLU A 9 14.10 14.72 -20.57
CA GLU A 9 13.68 13.92 -19.44
C GLU A 9 12.82 14.71 -18.49
N SER A 10 11.86 14.04 -17.85
CA SER A 10 10.94 14.67 -16.92
C SER A 10 10.54 13.74 -15.79
N LYS A 11 10.11 14.36 -14.69
CA LYS A 11 9.64 13.68 -13.50
C LYS A 11 8.16 13.31 -13.61
N LEU A 12 7.88 12.02 -13.50
CA LEU A 12 6.51 11.50 -13.44
C LEU A 12 6.20 11.15 -11.98
N VAL A 13 5.12 11.72 -11.43
CA VAL A 13 4.69 11.46 -10.06
C VAL A 13 3.31 10.87 -10.13
N GLY A 14 3.03 9.90 -9.29
CA GLY A 14 1.71 9.31 -9.31
C GLY A 14 1.27 8.69 -8.00
N ARG A 15 0.02 8.24 -8.01
CA ARG A 15 -0.61 7.57 -6.87
C ARG A 15 -1.52 6.48 -7.36
N VAL A 16 -1.59 5.38 -6.63
CA VAL A 16 -2.59 4.33 -6.82
C VAL A 16 -3.77 4.75 -5.93
N THR A 17 -4.98 4.79 -6.48
CA THR A 17 -6.13 5.28 -5.73
C THR A 17 -7.38 4.39 -5.84
N TYR A 18 -8.33 4.62 -4.95
CA TYR A 18 -9.66 4.06 -5.03
C TYR A 18 -10.64 5.18 -4.77
N GLN A 19 -11.49 5.51 -5.74
CA GLN A 19 -12.46 6.62 -5.67
C GLN A 19 -11.72 7.93 -5.37
N GLY A 20 -10.54 8.08 -5.97
CA GLY A 20 -9.69 9.25 -5.79
C GLY A 20 -8.81 9.32 -4.57
N GLN A 21 -8.96 8.37 -3.60
CA GLN A 21 -8.17 8.36 -2.35
CA GLN A 21 -8.16 8.38 -2.36
C GLN A 21 -6.95 7.44 -2.45
N ALA A 22 -5.76 7.93 -2.04
CA ALA A 22 -4.52 7.13 -2.12
C ALA A 22 -4.61 5.92 -1.18
N LEU A 23 -4.11 4.80 -1.64
CA LEU A 23 -4.13 3.57 -0.86
C LEU A 23 -2.90 3.50 0.00
N ASN A 24 -3.04 2.89 1.19
CA ASN A 24 -1.97 2.67 2.15
C ASN A 24 -1.44 1.23 1.93
N LEU A 25 -0.18 1.11 1.52
CA LEU A 25 0.40 -0.18 1.13
C LEU A 25 1.72 -0.48 1.80
N ARG A 26 2.27 -1.68 1.52
CA ARG A 26 3.63 -2.00 1.97
C ARG A 26 4.55 -1.30 0.98
N GLY A 27 5.29 -0.34 1.47
CA GLY A 27 6.17 0.47 0.62
C GLY A 27 7.63 0.09 0.68
N THR A 28 7.93 -1.13 1.13
CA THR A 28 9.31 -1.63 1.26
C THR A 28 9.52 -2.94 0.50
N GLY A 29 10.79 -3.30 0.27
CA GLY A 29 11.19 -4.58 -0.33
C GLY A 29 10.60 -4.90 -1.69
N GLU A 30 10.23 -3.87 -2.48
CA GLU A 30 9.64 -4.02 -3.82
C GLU A 30 8.31 -4.81 -3.73
N ALA A 31 7.61 -4.68 -2.60
CA ALA A 31 6.37 -5.43 -2.37
C ALA A 31 5.29 -5.15 -3.41
N VAL A 32 5.11 -3.87 -3.78
CA VAL A 32 4.07 -3.45 -4.74
C VAL A 32 4.71 -2.68 -5.88
N GLN A 33 4.47 -3.17 -7.11
CA GLN A 33 5.02 -2.58 -8.32
C GLN A 33 3.97 -2.28 -9.35
N LEU A 34 4.26 -1.26 -10.16
CA LEU A 34 3.47 -0.92 -11.35
C LEU A 34 4.39 -1.05 -12.54
N GLN A 35 3.85 -1.03 -13.75
CA GLN A 35 4.69 -1.16 -14.94
C GLN A 35 4.36 -0.06 -15.91
N LEU A 36 5.39 0.52 -16.52
CA LEU A 36 5.23 1.59 -17.52
C LEU A 36 5.61 1.02 -18.88
N TYR A 37 4.64 0.94 -19.80
CA TYR A 37 4.85 0.40 -21.16
C TYR A 37 4.95 1.51 -22.18
N GLN A 38 5.73 1.27 -23.23
CA GLN A 38 5.84 2.19 -24.37
C GLN A 38 5.71 1.38 -25.66
N ASP A 39 4.80 1.78 -26.54
CA ASP A 39 4.61 1.11 -27.83
C ASP A 39 5.27 1.93 -28.94
N GLY A 40 6.27 1.35 -29.59
CA GLY A 40 7.01 1.98 -30.68
C GLY A 40 8.05 1.08 -31.33
N TYR A 41 8.71 1.57 -32.42
CA TYR A 41 9.77 0.89 -33.20
C TYR A 41 10.79 0.24 -32.27
N GLU A 42 11.29 1.04 -31.29
CA GLU A 42 12.23 0.57 -30.29
C GLU A 42 11.44 -0.31 -29.33
N LYS A 43 11.66 -1.63 -29.41
CA LYS A 43 11.00 -2.64 -28.58
C LYS A 43 11.40 -2.45 -27.13
N ASN A 44 10.77 -1.47 -26.46
CA ASN A 44 11.07 -1.09 -25.11
C ASN A 44 10.35 -2.00 -24.11
N ASP A 45 11.16 -2.67 -23.25
CA ASP A 45 10.67 -3.51 -22.15
C ASP A 45 9.90 -2.65 -21.17
N PRO A 46 8.90 -3.17 -20.41
CA PRO A 46 8.25 -2.31 -19.42
C PRO A 46 9.22 -1.84 -18.33
N ILE A 47 9.02 -0.62 -17.83
CA ILE A 47 9.83 -0.05 -16.74
C ILE A 47 9.08 -0.35 -15.43
N SER A 48 9.75 -0.94 -14.42
CA SER A 48 9.12 -1.21 -13.12
C SER A 48 9.16 0.04 -12.25
N VAL A 49 8.05 0.32 -11.55
CA VAL A 49 8.04 1.44 -10.59
C VAL A 49 7.54 0.87 -9.27
N PHE A 50 8.18 1.22 -8.19
CA PHE A 50 7.87 0.68 -6.89
C PHE A 50 6.99 1.68 -6.14
N VAL A 51 5.87 1.20 -5.62
CA VAL A 51 4.88 2.06 -4.94
C VAL A 51 5.27 2.21 -3.46
N GLY A 52 5.17 3.44 -2.94
CA GLY A 52 5.53 3.72 -1.54
C GLY A 52 4.42 3.39 -0.57
N GLN A 53 4.66 3.62 0.72
CA GLN A 53 3.68 3.35 1.78
C GLN A 53 2.37 4.07 1.63
N ASP A 54 2.43 5.31 1.11
CA ASP A 54 1.29 6.19 0.95
C ASP A 54 0.66 6.05 -0.46
N GLY A 55 1.11 5.04 -1.19
CA GLY A 55 0.60 4.70 -2.52
C GLY A 55 1.16 5.54 -3.66
N THR A 56 2.22 6.33 -3.39
CA THR A 56 2.82 7.21 -4.39
C THR A 56 4.00 6.54 -5.06
N PHE A 57 4.37 7.05 -6.22
CA PHE A 57 5.52 6.60 -6.99
C PHE A 57 6.06 7.80 -7.77
N SER A 58 7.36 7.79 -8.06
CA SER A 58 7.99 8.84 -8.85
C SER A 58 9.09 8.23 -9.68
N ALA A 59 9.23 8.73 -10.90
CA ALA A 59 10.22 8.22 -11.83
C ALA A 59 10.74 9.32 -12.71
N LEU A 60 12.07 9.36 -12.92
CA LEU A 60 12.69 10.27 -13.87
C LEU A 60 12.75 9.51 -15.17
N LEU A 61 11.97 9.92 -16.17
CA LEU A 61 11.88 9.22 -17.43
C LEU A 61 12.07 10.13 -18.63
N PHE A 62 12.35 9.52 -19.80
CA PHE A 62 12.43 10.24 -21.06
C PHE A 62 11.04 10.67 -21.43
N ASP A 63 10.88 11.90 -21.92
CA ASP A 63 9.58 12.43 -22.35
C ASP A 63 9.01 11.53 -23.44
N GLY A 64 7.70 11.32 -23.37
CA GLY A 64 6.99 10.49 -24.32
C GLY A 64 5.68 9.98 -23.77
N GLU A 65 5.02 9.11 -24.55
CA GLU A 65 3.73 8.52 -24.20
C GLU A 65 3.95 7.15 -23.56
N TYR A 66 3.30 6.94 -22.42
CA TYR A 66 3.41 5.71 -21.64
C TYR A 66 2.07 5.15 -21.24
N ARG A 67 2.06 3.85 -20.97
CA ARG A 67 0.88 3.16 -20.45
CA ARG A 67 0.90 3.10 -20.49
C ARG A 67 1.24 2.60 -19.08
N LEU A 68 0.64 3.20 -18.02
CA LEU A 68 0.88 2.82 -16.64
C LEU A 68 -0.12 1.74 -16.21
N THR A 69 0.38 0.56 -15.77
CA THR A 69 -0.53 -0.53 -15.39
CA THR A 69 -0.47 -0.59 -15.42
C THR A 69 -0.08 -1.24 -14.12
N THR A 70 -1.01 -2.04 -13.53
CA THR A 70 -0.68 -2.84 -12.36
C THR A 70 0.11 -4.05 -12.86
N ARG A 71 0.82 -4.73 -11.98
CA ARG A 71 1.55 -5.95 -12.29
C ARG A 71 0.61 -7.11 -12.00
N ASP A 72 0.53 -8.09 -12.90
CA ASP A 72 -0.36 -9.26 -12.80
C ASP A 72 -0.26 -9.94 -11.42
N GLY A 73 -1.39 -10.03 -10.73
CA GLY A 73 -1.55 -10.67 -9.43
C GLY A 73 -0.89 -10.00 -8.24
N ASN A 74 -0.34 -8.79 -8.43
CA ASN A 74 0.38 -8.08 -7.38
C ASN A 74 -0.42 -6.88 -6.83
N GLY A 75 -0.75 -6.96 -5.54
CA GLY A 75 -1.44 -5.88 -4.84
C GLY A 75 -2.74 -6.32 -4.19
N PRO A 76 -3.21 -5.56 -3.17
CA PRO A 76 -4.47 -5.93 -2.48
C PRO A 76 -5.73 -5.49 -3.27
N TRP A 77 -5.76 -5.83 -4.56
CA TRP A 77 -6.84 -5.43 -5.45
C TRP A 77 -7.11 -6.49 -6.52
N VAL A 78 -8.29 -6.43 -7.16
CA VAL A 78 -8.70 -7.36 -8.21
C VAL A 78 -7.63 -7.37 -9.29
N ASN A 79 -7.30 -8.55 -9.80
CA ASN A 79 -6.33 -8.72 -10.88
C ASN A 79 -7.00 -8.42 -12.23
N ASN A 80 -7.36 -7.15 -12.44
CA ASN A 80 -8.07 -6.65 -13.63
C ASN A 80 -7.18 -5.97 -14.65
N HIS A 81 -5.85 -5.90 -14.42
CA HIS A 81 -4.88 -5.25 -15.32
C HIS A 81 -5.30 -3.79 -15.62
N GLU A 82 -5.68 -3.07 -14.54
CA GLU A 82 -6.06 -1.65 -14.59
C GLU A 82 -4.93 -0.84 -15.20
N SER A 83 -5.27 0.12 -16.07
CA SER A 83 -4.26 0.93 -16.77
C SER A 83 -4.71 2.37 -17.02
N VAL A 84 -3.74 3.27 -17.24
CA VAL A 84 -3.98 4.70 -17.55
C VAL A 84 -2.87 5.16 -18.53
N THR A 85 -3.25 5.97 -19.53
CA THR A 85 -2.31 6.54 -20.50
C THR A 85 -1.73 7.83 -19.93
N VAL A 86 -0.41 7.93 -19.98
CA VAL A 86 0.43 9.02 -19.47
C VAL A 86 1.11 9.73 -20.66
N ASN A 87 0.92 11.04 -20.79
CA ASN A 87 1.64 11.82 -21.80
C ASN A 87 2.64 12.66 -21.03
N LEU A 88 3.89 12.15 -20.93
CA LEU A 88 4.94 12.79 -20.15
C LEU A 88 5.66 13.86 -20.98
N LYS A 89 5.47 15.12 -20.58
CA LYS A 89 6.08 16.31 -21.17
C LYS A 89 6.16 17.31 -20.04
N GLY A 90 7.37 17.51 -19.51
CA GLY A 90 7.59 18.35 -18.34
C GLY A 90 7.08 17.61 -17.11
N HIS A 91 7.17 18.21 -15.92
CA HIS A 91 6.69 17.58 -14.69
C HIS A 91 5.22 17.17 -14.88
N THR A 92 4.90 15.88 -14.69
CA THR A 92 3.55 15.35 -14.92
C THR A 92 3.08 14.50 -13.73
N GLU A 93 1.79 14.61 -13.42
N GLU A 93 1.78 14.58 -13.44
CA GLU A 93 1.20 13.83 -12.32
CA GLU A 93 1.23 13.79 -12.36
C GLU A 93 -0.01 13.06 -12.81
C GLU A 93 0.01 13.04 -12.86
N VAL A 94 -0.14 11.81 -12.37
CA VAL A 94 -1.23 10.93 -12.77
C VAL A 94 -1.73 10.10 -11.56
N ASN A 95 -2.93 9.54 -11.68
CA ASN A 95 -3.38 8.57 -10.69
C ASN A 95 -3.79 7.30 -11.43
N LEU A 96 -3.78 6.18 -10.73
CA LEU A 96 -4.21 4.92 -11.31
C LEU A 96 -5.28 4.32 -10.41
N GLU A 97 -6.51 4.17 -10.93
CA GLU A 97 -7.66 3.61 -10.20
C GLU A 97 -7.64 2.10 -10.24
N VAL A 98 -7.77 1.49 -9.05
CA VAL A 98 -7.83 0.03 -8.89
C VAL A 98 -9.07 -0.33 -8.06
N THR A 99 -9.36 -1.65 -7.94
CA THR A 99 -10.50 -2.10 -7.13
C THR A 99 -9.99 -2.94 -5.97
N PRO A 100 -9.77 -2.31 -4.80
CA PRO A 100 -9.28 -3.09 -3.64
C PRO A 100 -10.30 -4.13 -3.19
N TYR A 101 -9.83 -5.23 -2.56
CA TYR A 101 -10.75 -6.26 -2.01
C TYR A 101 -11.48 -5.66 -0.80
N PHE A 102 -10.72 -4.96 0.04
CA PHE A 102 -11.17 -4.34 1.29
C PHE A 102 -10.58 -2.95 1.48
N ILE A 104 -9.97 -0.11 4.82
CA ILE A 104 -9.93 0.11 6.26
C ILE A 104 -10.29 1.57 6.48
N SER A 105 -11.16 1.85 7.45
CA SER A 105 -11.53 3.23 7.76
C SER A 105 -11.80 3.39 9.26
N ASN A 106 -11.97 4.66 9.72
CA ASN A 106 -12.30 5.02 11.10
C ASN A 106 -11.31 4.41 12.12
N GLU A 107 -10.03 4.38 11.80
CA GLU A 107 -9.02 3.75 12.66
C GLU A 107 -8.72 4.54 13.91
N GLN A 108 -8.69 3.84 15.04
CA GLN A 108 -8.30 4.39 16.33
C GLN A 108 -7.28 3.43 16.93
N LEU A 109 -6.00 3.82 16.86
CA LEU A 109 -4.87 2.98 17.32
C LEU A 109 -4.20 3.61 18.53
N SER A 110 -3.94 2.80 19.55
CA SER A 110 -3.31 3.32 20.76
C SER A 110 -2.56 2.21 21.48
N VAL A 111 -1.70 2.59 22.44
CA VAL A 111 -0.94 1.63 23.22
C VAL A 111 -0.99 2.03 24.68
N THR A 112 -1.12 1.04 25.55
CA THR A 112 -1.01 1.20 27.00
C THR A 112 0.31 0.50 27.36
N GLY A 113 0.55 0.26 28.65
CA GLY A 113 1.72 -0.50 29.06
C GLY A 113 1.54 -1.98 28.79
N SER A 114 0.27 -2.44 28.70
CA SER A 114 -0.12 -3.84 28.56
C SER A 114 -0.59 -4.23 27.14
N ALA A 115 -1.22 -3.31 26.39
CA ALA A 115 -1.79 -3.72 25.11
C ALA A 115 -1.78 -2.67 24.02
N ASN A 117 -4.34 -1.41 21.39
CA ASN A 117 -5.78 -1.36 21.15
C ASN A 117 -6.03 -0.78 19.77
N ALA A 118 -6.86 -1.46 18.97
CA ALA A 118 -7.17 -1.05 17.61
C ALA A 118 -8.65 -1.24 17.32
N SER A 119 -9.36 -0.13 17.07
CA SER A 119 -10.76 -0.17 16.67
C SER A 119 -10.83 0.43 15.29
N PHE A 120 -11.51 -0.23 14.35
CA PHE A 120 -11.61 0.26 12.97
C PHE A 120 -12.69 -0.49 12.23
N ILE A 122 -13.76 -2.49 8.60
CA ILE A 122 -13.29 -3.19 7.41
C ILE A 122 -14.48 -3.25 6.49
N ASN A 123 -14.37 -2.56 5.37
CA ASN A 123 -15.41 -2.48 4.35
C ASN A 123 -15.07 -3.40 3.20
N ARG A 124 -15.98 -4.34 2.88
CA ARG A 124 -15.77 -5.25 1.75
C ARG A 124 -16.18 -4.54 0.46
N ILE A 125 -15.23 -4.40 -0.47
CA ILE A 125 -15.46 -3.75 -1.78
C ILE A 125 -15.84 -4.79 -2.82
N VAL A 126 -15.12 -5.94 -2.86
CA VAL A 126 -15.36 -7.00 -3.85
C VAL A 126 -16.33 -8.01 -3.21
N PRO A 127 -17.50 -8.25 -3.82
CA PRO A 127 -18.54 -9.09 -3.17
C PRO A 127 -18.12 -10.48 -2.70
N ASP A 128 -17.22 -11.17 -3.42
CA ASP A 128 -16.87 -12.53 -2.99
C ASP A 128 -15.52 -12.61 -2.26
N ALA A 129 -14.96 -11.47 -1.87
CA ALA A 129 -13.68 -11.46 -1.16
C ALA A 129 -13.86 -11.89 0.29
N LYS A 130 -12.84 -12.58 0.82
CA LYS A 130 -12.82 -13.07 2.20
C LYS A 130 -11.55 -12.60 2.87
N ILE A 131 -11.60 -12.36 4.18
CA ILE A 131 -10.41 -11.91 4.92
C ILE A 131 -9.57 -13.12 5.32
N SER A 132 -8.26 -13.10 4.99
CA SER A 132 -7.31 -14.16 5.35
C SER A 132 -6.76 -13.87 6.77
N ARG A 133 -6.27 -12.62 6.97
CA ARG A 133 -5.79 -12.22 8.29
C ARG A 133 -5.81 -10.72 8.45
N VAL A 134 -5.90 -10.29 9.71
CA VAL A 134 -5.82 -8.90 10.15
C VAL A 134 -4.57 -8.80 11.02
N LEU A 136 -1.99 -6.36 13.53
CA LEU A 136 -1.75 -5.21 14.41
C LEU A 136 -0.24 -5.07 14.45
N LEU A 137 0.28 -3.90 14.04
CA LEU A 137 1.71 -3.67 13.90
C LEU A 137 2.21 -2.46 14.63
N LEU A 138 3.44 -2.56 15.17
CA LEU A 138 4.16 -1.44 15.76
C LEU A 138 5.56 -1.39 15.15
N SER A 139 6.09 -0.19 14.98
CA SER A 139 7.44 -0.01 14.45
C SER A 139 8.14 1.12 15.19
N LYS A 140 9.49 1.06 15.30
CA LYS A 140 10.34 2.14 15.84
C LYS A 140 10.52 3.27 14.81
N THR A 141 10.20 2.99 13.53
CA THR A 141 10.40 3.94 12.43
C THR A 141 9.10 4.25 11.71
N GLN A 142 9.15 5.24 10.79
CA GLN A 142 8.00 5.65 9.96
C GLN A 142 7.52 4.53 9.06
N PHE A 143 8.35 3.48 8.88
CA PHE A 143 7.96 2.33 8.03
C PHE A 143 7.40 1.21 8.87
N ALA A 144 6.16 0.78 8.57
CA ALA A 144 5.54 -0.34 9.29
C ALA A 144 4.76 -1.18 8.33
N ASP A 145 5.04 -2.49 8.28
CA ASP A 145 4.29 -3.41 7.42
C ASP A 145 4.44 -4.84 7.95
N ASP A 146 3.90 -5.84 7.23
CA ASP A 146 3.92 -7.24 7.70
C ASP A 146 5.35 -7.80 7.89
N VAL A 147 6.37 -7.20 7.22
CA VAL A 147 7.78 -7.65 7.34
C VAL A 147 8.56 -6.67 8.21
N ASN A 148 8.32 -5.37 8.04
CA ASN A 148 9.05 -4.31 8.73
C ASN A 148 8.30 -3.84 9.93
N ASN A 149 8.63 -4.38 11.08
CA ASN A 149 7.98 -4.01 12.32
C ASN A 149 8.79 -4.51 13.51
N LEU A 150 8.45 -3.98 14.69
CA LEU A 150 9.02 -4.34 15.98
C LEU A 150 8.08 -5.33 16.70
N TYR A 151 6.79 -5.29 16.35
CA TYR A 151 5.76 -6.13 16.96
C TYR A 151 4.67 -6.38 15.92
N ARG A 152 4.19 -7.64 15.87
CA ARG A 152 3.13 -8.03 14.96
C ARG A 152 2.28 -9.06 15.66
N GLN A 153 0.94 -8.89 15.60
CA GLN A 153 0.01 -9.89 16.11
C GLN A 153 -1.07 -10.09 15.06
N ASP A 154 -1.26 -11.33 14.60
CA ASP A 154 -2.30 -11.67 13.60
C ASP A 154 -3.55 -12.19 14.25
N PHE A 155 -4.70 -11.92 13.59
CA PHE A 155 -6.05 -12.37 13.96
C PHE A 155 -6.61 -13.02 12.70
N SER A 156 -7.02 -14.29 12.77
CA SER A 156 -7.41 -15.04 11.58
C SER A 156 -8.92 -15.30 11.43
N ASP A 157 -9.73 -14.80 12.37
CA ASP A 157 -11.18 -15.10 12.29
C ASP A 157 -12.05 -13.83 12.15
N VAL A 158 -11.45 -12.73 11.71
CA VAL A 158 -12.15 -11.45 11.52
C VAL A 158 -12.96 -11.46 10.24
N VAL A 159 -14.16 -10.85 10.29
CA VAL A 159 -15.05 -10.72 9.14
C VAL A 159 -15.29 -9.20 8.90
N PRO A 160 -15.77 -8.77 7.70
CA PRO A 160 -16.03 -7.33 7.49
C PRO A 160 -17.03 -6.75 8.50
N GLY A 161 -16.88 -5.46 8.76
CA GLY A 161 -17.69 -4.71 9.71
C GLY A 161 -16.83 -4.00 10.74
N SER A 162 -17.40 -3.74 11.92
CA SER A 162 -16.67 -3.08 13.00
C SER A 162 -15.73 -4.07 13.65
N VAL A 163 -14.49 -3.66 13.91
CA VAL A 163 -13.48 -4.54 14.50
C VAL A 163 -12.93 -3.88 15.77
N ASN A 164 -12.75 -4.68 16.84
CA ASN A 164 -12.23 -4.23 18.14
C ASN A 164 -11.20 -5.25 18.63
N LEU A 165 -9.91 -4.93 18.50
CA LEU A 165 -8.82 -5.85 18.83
C LEU A 165 -7.87 -5.30 19.89
N SER A 166 -7.32 -6.21 20.69
CA SER A 166 -6.32 -5.90 21.73
C SER A 166 -5.23 -6.93 21.64
N ALA A 167 -4.01 -6.47 21.40
CA ALA A 167 -2.84 -7.35 21.29
C ALA A 167 -1.97 -7.16 22.53
N ASP A 168 -1.57 -8.27 23.15
CA ASP A 168 -0.78 -8.22 24.38
C ASP A 168 0.67 -7.84 24.06
N ILE A 169 1.09 -6.62 24.44
CA ILE A 169 2.46 -6.16 24.21
C ILE A 169 3.27 -6.17 25.52
N SER A 170 2.69 -6.68 26.62
CA SER A 170 3.39 -6.71 27.92
C SER A 170 4.66 -7.58 27.85
N GLY A 171 5.68 -7.21 28.61
CA GLY A 171 6.94 -7.95 28.58
C GLY A 171 7.81 -7.72 27.35
N ASN A 172 7.28 -7.03 26.30
CA ASN A 172 8.04 -6.72 25.09
C ASN A 172 8.93 -5.50 25.37
N THR A 173 10.24 -5.78 25.63
CA THR A 173 11.27 -4.80 25.98
C THR A 173 11.60 -3.85 24.86
N GLU A 174 11.49 -4.28 23.59
CA GLU A 174 11.78 -3.43 22.43
C GLU A 174 10.80 -2.25 22.34
N ILE A 175 9.50 -2.49 22.64
CA ILE A 175 8.47 -1.42 22.62
C ILE A 175 8.81 -0.37 23.73
N VAL A 176 9.10 -0.85 24.96
CA VAL A 176 9.43 -0.01 26.12
C VAL A 176 10.68 0.86 25.82
N LYS A 177 11.69 0.27 25.14
CA LYS A 177 12.96 0.92 24.77
C LYS A 177 12.86 1.91 23.61
N ALA A 178 11.87 1.74 22.73
CA ALA A 178 11.71 2.55 21.51
C ALA A 178 11.62 4.06 21.82
N LYS A 179 12.43 4.91 21.15
CA LYS A 179 12.37 6.36 21.35
C LYS A 179 11.20 6.96 20.56
N ALA A 180 10.80 6.29 19.50
CA ALA A 180 9.65 6.68 18.68
C ALA A 180 8.85 5.43 18.42
N LEU A 181 7.52 5.55 18.35
CA LEU A 181 6.69 4.38 18.12
C LEU A 181 5.58 4.71 17.14
N TYR A 182 5.43 3.85 16.13
CA TYR A 182 4.44 4.04 15.05
C TYR A 182 3.54 2.81 14.97
N ALA A 183 2.24 3.02 14.71
CA ALA A 183 1.29 1.92 14.64
C ALA A 183 0.65 1.84 13.27
N ARG A 184 0.18 0.64 12.92
CA ARG A 184 -0.51 0.43 11.65
C ARG A 184 -1.35 -0.83 11.75
N VAL A 185 -2.40 -0.92 10.92
CA VAL A 185 -3.16 -2.16 10.86
C VAL A 185 -3.17 -2.61 9.40
N GLY A 186 -3.25 -3.93 9.19
CA GLY A 186 -3.28 -4.50 7.85
C GLY A 186 -4.39 -5.52 7.68
N VAL A 187 -4.91 -5.65 6.46
CA VAL A 187 -5.95 -6.61 6.11
C VAL A 187 -5.52 -7.30 4.80
N LEU A 188 -5.35 -8.61 4.88
CA LEU A 188 -4.98 -9.46 3.75
C LEU A 188 -6.20 -10.28 3.32
N ALA A 189 -6.52 -10.24 2.04
CA ALA A 189 -7.62 -10.99 1.42
C ALA A 189 -7.16 -12.39 1.03
N ASN A 190 -8.06 -13.39 1.10
CA ASN A 190 -7.81 -14.73 0.58
C ASN A 190 -7.40 -14.62 -0.89
N GLY A 191 -6.30 -15.28 -1.26
CA GLY A 191 -5.85 -15.28 -2.64
C GLY A 191 -4.97 -14.11 -3.05
N ALA A 192 -4.82 -13.08 -2.20
CA ALA A 192 -3.98 -11.94 -2.55
C ALA A 192 -2.55 -12.14 -2.07
N ASP A 193 -1.59 -11.47 -2.71
CA ASP A 193 -0.17 -11.55 -2.35
C ASP A 193 0.28 -10.43 -1.40
N GLN A 194 -0.59 -9.41 -1.19
CA GLN A 194 -0.25 -8.21 -0.42
C GLN A 194 -1.46 -7.72 0.32
N ALA A 195 -1.25 -7.14 1.50
CA ALA A 195 -2.35 -6.57 2.28
C ALA A 195 -2.59 -5.10 1.94
N ILE A 196 -3.75 -4.57 2.38
CA ILE A 196 -4.08 -3.15 2.39
C ILE A 196 -3.90 -2.72 3.84
N TYR A 197 -3.47 -1.50 4.07
CA TYR A 197 -3.20 -1.02 5.42
C TYR A 197 -3.94 0.27 5.73
N SER A 198 -3.91 0.64 6.99
CA SER A 198 -4.33 1.96 7.45
C SER A 198 -3.14 2.92 7.20
N PRO A 199 -3.29 4.25 7.31
CA PRO A 199 -2.08 5.10 7.35
C PRO A 199 -1.25 4.74 8.59
N VAL A 200 0.04 5.06 8.59
CA VAL A 200 0.89 4.87 9.75
C VAL A 200 0.56 6.01 10.71
N VAL A 201 0.36 5.70 12.00
CA VAL A 201 0.05 6.66 13.06
C VAL A 201 1.20 6.72 14.07
N ARG A 202 1.78 7.91 14.30
CA ARG A 202 2.83 8.07 15.30
C ARG A 202 2.19 8.13 16.69
N LEU A 203 2.60 7.23 17.59
CA LEU A 203 2.05 7.18 18.95
C LEU A 203 2.98 7.85 19.95
N LYS A 204 4.30 7.90 19.66
CA LYS A 204 5.28 8.58 20.50
C LYS A 204 6.54 8.91 19.68
#